data_5LTL
#
_entry.id   5LTL
#
_cell.length_a   136.350
_cell.length_b   24.590
_cell.length_c   37.970
_cell.angle_alpha   90.00
_cell.angle_beta   93.12
_cell.angle_gamma   90.00
#
_symmetry.space_group_name_H-M   'C 1 2 1'
#
loop_
_entity.id
_entity.type
_entity.pdbx_description
1 polymer 'C-C motif chemokine 16'
2 non-polymer 'SODIUM ION'
3 non-polymer GLYCEROL
4 water water
#
_entity_poly.entity_id   1
_entity_poly.type   'polypeptide(L)'
_entity_poly.pdbx_seq_one_letter_code
;GPSQPKVPEWVNTPSTCCLKYYEKVLPRRLVVGYRKALNCHLPAIIFVTKRNREVCTNPNDDWVQEYIKDPNLPLLPTRN
LSTVKIITAKNGQPQLLNSQ
;
_entity_poly.pdbx_strand_id   A,B
#
loop_
_chem_comp.id
_chem_comp.type
_chem_comp.name
_chem_comp.formula
GOL non-polymer GLYCEROL 'C3 H8 O3'
NA non-polymer 'SODIUM ION' 'Na 1'
#
# COMPACT_ATOMS: atom_id res chain seq x y z
N VAL A 11 -4.08 -5.68 -13.13
CA VAL A 11 -3.61 -4.38 -12.65
C VAL A 11 -2.26 -4.52 -11.95
N ASN A 12 -1.21 -4.06 -12.61
CA ASN A 12 0.14 -4.09 -12.05
C ASN A 12 0.42 -2.83 -11.23
N THR A 13 -0.65 -2.16 -10.84
CA THR A 13 -0.57 -0.95 -10.02
C THR A 13 -0.49 -1.32 -8.54
N PRO A 14 0.31 -0.58 -7.77
CA PRO A 14 0.41 -0.83 -6.32
C PRO A 14 -0.93 -0.67 -5.59
N SER A 15 -1.05 -1.34 -4.46
CA SER A 15 -2.22 -1.23 -3.60
C SER A 15 -1.81 -0.75 -2.22
N THR A 16 -2.79 -0.38 -1.42
CA THR A 16 -2.52 -0.10 -0.03
C THR A 16 -2.92 -1.33 0.77
N CYS A 17 -1.96 -1.92 1.47
CA CYS A 17 -2.23 -3.14 2.25
C CYS A 17 -1.62 -3.08 3.63
N CYS A 18 -2.24 -3.80 4.55
CA CYS A 18 -1.76 -3.88 5.93
C CYS A 18 -0.94 -5.15 6.15
N LEU A 19 0.10 -5.03 6.96
CA LEU A 19 0.99 -6.15 7.23
C LEU A 19 0.74 -6.74 8.61
N LYS A 20 0.06 -5.98 9.47
CA LYS A 20 -0.37 -6.47 10.77
C LYS A 20 -1.51 -5.61 11.27
N TYR A 21 -2.24 -6.06 12.28
CA TYR A 21 -3.32 -5.27 12.85
C TYR A 21 -2.85 -4.55 14.11
N TYR A 22 -3.39 -3.35 14.29
CA TYR A 22 -3.29 -2.63 15.56
C TYR A 22 -3.93 -3.51 16.62
N GLU A 23 -3.37 -3.55 17.82
CA GLU A 23 -3.80 -4.55 18.79
C GLU A 23 -4.78 -4.06 19.86
N LYS A 24 -5.16 -2.79 19.79
CA LYS A 24 -6.10 -2.24 20.77
C LYS A 24 -7.36 -1.74 20.08
N VAL A 25 -8.32 -1.26 20.86
CA VAL A 25 -9.50 -0.62 20.31
C VAL A 25 -9.24 0.87 20.17
N LEU A 26 -9.46 1.42 18.98
CA LEU A 26 -9.32 2.87 18.81
C LEU A 26 -10.46 3.63 19.45
N PRO A 27 -10.17 4.77 20.09
CA PRO A 27 -11.24 5.66 20.57
C PRO A 27 -12.02 6.17 19.37
N ARG A 28 -13.34 6.11 19.43
CA ARG A 28 -14.18 6.51 18.32
C ARG A 28 -13.95 7.98 17.96
N ARG A 29 -13.72 8.82 18.96
CA ARG A 29 -13.55 10.25 18.74
C ARG A 29 -12.32 10.55 17.89
N LEU A 30 -11.40 9.60 17.84
CA LEU A 30 -10.15 9.81 17.11
C LEU A 30 -10.31 9.55 15.63
N VAL A 31 -11.27 8.71 15.24
CA VAL A 31 -11.40 8.31 13.84
C VAL A 31 -12.39 9.14 13.05
N VAL A 32 -12.08 9.39 11.77
CA VAL A 32 -12.91 10.29 10.96
C VAL A 32 -13.36 9.67 9.64
N GLY A 33 -12.79 8.52 9.31
CA GLY A 33 -13.20 7.80 8.11
C GLY A 33 -12.54 6.45 8.07
N TYR A 34 -12.84 5.66 7.06
CA TYR A 34 -12.15 4.39 6.92
C TYR A 34 -11.91 4.09 5.46
N ARG A 35 -10.96 3.19 5.22
N ARG A 35 -10.93 3.22 5.20
CA ARG A 35 -10.69 2.68 3.89
CA ARG A 35 -10.66 2.72 3.85
C ARG A 35 -10.77 1.17 3.96
C ARG A 35 -10.64 1.19 3.91
N LYS A 36 -11.03 0.55 2.81
CA LYS A 36 -11.09 -0.91 2.74
C LYS A 36 -9.85 -1.44 2.02
N ALA A 37 -9.17 -2.39 2.65
CA ALA A 37 -8.02 -3.04 2.05
C ALA A 37 -8.19 -4.56 2.19
N LEU A 38 -9.29 -5.07 1.64
CA LEU A 38 -9.71 -6.45 1.88
C LEU A 38 -9.15 -7.44 0.86
N ASN A 39 -8.65 -6.93 -0.27
CA ASN A 39 -8.01 -7.77 -1.28
C ASN A 39 -6.49 -7.75 -1.14
N CYS A 40 -6.03 -7.90 0.10
CA CYS A 40 -4.62 -8.01 0.43
C CYS A 40 -4.42 -9.35 1.12
N HIS A 41 -3.15 -9.77 1.22
CA HIS A 41 -2.78 -11.00 1.90
C HIS A 41 -3.35 -11.06 3.32
N LEU A 42 -3.31 -9.92 4.00
CA LEU A 42 -3.98 -9.77 5.29
C LEU A 42 -5.06 -8.72 5.13
N PRO A 43 -6.32 -9.16 4.96
CA PRO A 43 -7.41 -8.21 4.71
C PRO A 43 -7.59 -7.27 5.89
N ALA A 44 -7.79 -5.99 5.61
CA ALA A 44 -7.91 -5.03 6.72
C ALA A 44 -8.88 -3.91 6.46
N ILE A 45 -9.40 -3.36 7.55
CA ILE A 45 -10.07 -2.07 7.50
C ILE A 45 -9.07 -1.04 8.02
N ILE A 46 -8.88 0.03 7.27
CA ILE A 46 -7.93 1.06 7.67
C ILE A 46 -8.72 2.27 8.19
N PHE A 47 -8.53 2.60 9.46
CA PHE A 47 -9.16 3.81 9.97
C PHE A 47 -8.28 5.03 9.73
N VAL A 48 -8.93 6.14 9.37
CA VAL A 48 -8.24 7.42 9.21
C VAL A 48 -8.54 8.26 10.45
N THR A 49 -7.50 8.79 11.08
CA THR A 49 -7.71 9.64 12.26
C THR A 49 -7.82 11.12 11.90
N LYS A 50 -8.22 11.95 12.86
CA LYS A 50 -8.40 13.37 12.59
C LYS A 50 -7.08 14.07 12.27
N ARG A 51 -5.98 13.39 12.57
CA ARG A 51 -4.65 13.90 12.24
C ARG A 51 -4.14 13.28 10.94
N ASN A 52 -5.05 12.60 10.24
CA ASN A 52 -4.75 11.97 8.93
C ASN A 52 -3.72 10.84 9.01
N ARG A 53 -3.65 10.20 10.17
CA ARG A 53 -2.90 8.95 10.32
C ARG A 53 -3.79 7.77 9.98
N GLU A 54 -3.19 6.66 9.58
N GLU A 54 -3.19 6.65 9.61
CA GLU A 54 -3.93 5.47 9.16
CA GLU A 54 -3.94 5.48 9.16
C GLU A 54 -3.62 4.31 10.09
C GLU A 54 -3.61 4.21 9.96
N VAL A 55 -4.65 3.55 10.47
CA VAL A 55 -4.49 2.44 11.40
C VAL A 55 -5.16 1.18 10.87
N CYS A 56 -4.37 0.10 10.75
CA CYS A 56 -4.83 -1.18 10.25
C CYS A 56 -5.58 -1.96 11.32
N THR A 57 -6.76 -2.49 10.96
CA THR A 57 -7.55 -3.26 11.92
C THR A 57 -8.19 -4.49 11.29
N ASN A 58 -8.61 -5.41 12.16
CA ASN A 58 -9.24 -6.65 11.74
C ASN A 58 -10.68 -6.39 11.32
N PRO A 59 -11.03 -6.70 10.07
CA PRO A 59 -12.40 -6.46 9.58
C PRO A 59 -13.43 -7.24 10.39
N ASN A 60 -13.01 -8.33 11.03
CA ASN A 60 -13.95 -9.20 11.72
C ASN A 60 -14.14 -8.85 13.18
N ASP A 61 -13.41 -7.85 13.69
CA ASP A 61 -13.65 -7.43 15.08
C ASP A 61 -14.99 -6.71 15.19
N ASP A 62 -15.71 -6.99 16.27
N ASP A 62 -15.70 -6.99 16.27
CA ASP A 62 -17.04 -6.43 16.45
CA ASP A 62 -17.04 -6.43 16.48
C ASP A 62 -17.01 -4.90 16.49
C ASP A 62 -17.01 -4.91 16.51
N TRP A 63 -16.04 -4.34 17.22
CA TRP A 63 -15.96 -2.87 17.31
C TRP A 63 -15.65 -2.21 15.97
N VAL A 64 -14.82 -2.85 15.16
CA VAL A 64 -14.52 -2.33 13.83
C VAL A 64 -15.79 -2.23 13.00
N GLN A 65 -16.58 -3.30 12.99
N GLN A 65 -16.56 -3.32 13.01
CA GLN A 65 -17.80 -3.28 12.20
CA GLN A 65 -17.83 -3.43 12.30
C GLN A 65 -18.80 -2.26 12.74
C GLN A 65 -18.80 -2.34 12.75
N GLU A 66 -18.91 -2.15 14.07
CA GLU A 66 -19.81 -1.18 14.62
C GLU A 66 -19.38 0.24 14.24
N TYR A 67 -18.09 0.51 14.31
CA TYR A 67 -17.62 1.85 13.92
C TYR A 67 -17.92 2.17 12.46
N ILE A 68 -17.62 1.26 11.55
CA ILE A 68 -17.78 1.62 10.15
C ILE A 68 -19.24 1.66 9.71
N LYS A 69 -20.11 0.96 10.43
CA LYS A 69 -21.55 1.04 10.18
C LYS A 69 -22.14 2.42 10.47
N ASP A 70 -21.46 3.20 11.32
CA ASP A 70 -21.90 4.54 11.68
C ASP A 70 -22.02 5.38 10.41
N PRO A 71 -23.20 5.97 10.15
CA PRO A 71 -23.36 6.78 8.93
C PRO A 71 -22.43 7.99 8.93
N ASN A 72 -21.99 8.40 10.11
CA ASN A 72 -21.10 9.54 10.26
C ASN A 72 -19.64 9.20 10.11
N LEU A 73 -19.34 7.93 9.90
CA LEU A 73 -17.98 7.52 9.59
C LEU A 73 -17.92 6.99 8.17
N PRO A 74 -17.51 7.84 7.23
CA PRO A 74 -17.62 7.50 5.80
C PRO A 74 -16.50 6.62 5.28
N LEU A 75 -16.82 5.87 4.24
CA LEU A 75 -15.81 5.22 3.43
C LEU A 75 -15.08 6.27 2.60
N LEU A 76 -13.76 6.27 2.73
CA LEU A 76 -12.86 7.09 1.92
C LEU A 76 -11.98 6.13 1.10
N PRO A 77 -12.28 5.96 -0.20
CA PRO A 77 -11.64 4.98 -1.10
C PRO A 77 -10.11 4.88 -1.04
N THR A 78 -9.60 3.65 -1.01
N VAL B 11 4.85 -1.81 11.06
CA VAL B 11 3.99 -1.00 11.92
C VAL B 11 2.52 -1.36 11.70
N ASN B 12 1.64 -0.66 12.42
CA ASN B 12 0.21 -0.84 12.26
C ASN B 12 -0.32 0.09 11.17
N THR B 13 0.59 0.81 10.53
CA THR B 13 0.24 1.68 9.42
C THR B 13 0.28 0.88 8.12
N PRO B 14 -0.63 1.20 7.19
CA PRO B 14 -0.64 0.47 5.92
C PRO B 14 0.59 0.74 5.08
N SER B 15 0.86 -0.16 4.15
CA SER B 15 2.04 -0.07 3.30
C SER B 15 1.59 -0.01 1.86
N THR B 16 2.46 0.46 1.00
CA THR B 16 2.19 0.37 -0.42
C THR B 16 2.72 -0.96 -0.89
N CYS B 17 1.84 -1.82 -1.40
CA CYS B 17 2.23 -3.18 -1.74
C CYS B 17 1.69 -3.59 -3.10
N CYS B 18 2.44 -4.46 -3.77
CA CYS B 18 2.02 -4.99 -5.06
C CYS B 18 1.38 -6.36 -4.95
N LEU B 19 0.40 -6.63 -5.80
CA LEU B 19 -0.30 -7.91 -5.81
C LEU B 19 0.11 -8.76 -7.02
N LYS B 20 0.66 -8.12 -8.05
CA LYS B 20 1.13 -8.82 -9.23
C LYS B 20 2.34 -8.11 -9.84
N TYR B 21 3.18 -8.87 -10.53
CA TYR B 21 4.35 -8.30 -11.23
C TYR B 21 4.02 -8.04 -12.69
N TYR B 22 4.54 -6.94 -13.21
CA TYR B 22 4.45 -6.62 -14.62
C TYR B 22 5.19 -7.70 -15.41
N GLU B 23 4.65 -8.08 -16.56
CA GLU B 23 5.15 -9.22 -17.31
C GLU B 23 6.09 -8.81 -18.45
N LYS B 24 6.23 -7.51 -18.68
CA LYS B 24 7.07 -7.00 -19.75
C LYS B 24 8.20 -6.14 -19.19
N VAL B 25 9.04 -5.61 -20.09
CA VAL B 25 10.10 -4.70 -19.69
C VAL B 25 9.69 -3.26 -19.99
N LEU B 26 9.74 -2.40 -18.99
CA LEU B 26 9.47 -0.98 -19.19
C LEU B 26 10.64 -0.33 -19.89
N PRO B 27 10.37 0.41 -20.98
CA PRO B 27 11.43 1.18 -21.64
C PRO B 27 12.08 2.12 -20.63
N ARG B 28 13.41 2.11 -20.58
CA ARG B 28 14.14 2.89 -19.60
C ARG B 28 13.80 4.37 -19.69
N ARG B 29 13.57 4.85 -20.91
CA ARG B 29 13.28 6.27 -21.14
C ARG B 29 11.97 6.72 -20.51
N LEU B 30 11.08 5.77 -20.19
CA LEU B 30 9.79 6.10 -19.60
C LEU B 30 9.85 6.17 -18.09
N VAL B 31 10.95 5.68 -17.51
CA VAL B 31 11.07 5.56 -16.06
C VAL B 31 11.78 6.78 -15.45
N VAL B 32 11.19 7.38 -14.42
CA VAL B 32 11.78 8.56 -13.80
C VAL B 32 12.18 8.35 -12.33
N GLY B 33 11.84 7.20 -11.77
CA GLY B 33 12.20 6.91 -10.40
C GLY B 33 11.70 5.54 -9.99
N TYR B 34 12.02 5.14 -8.76
CA TYR B 34 11.53 3.86 -8.26
C TYR B 34 11.29 3.96 -6.76
N ARG B 35 10.40 3.10 -6.29
CA ARG B 35 10.08 3.01 -4.87
C ARG B 35 10.26 1.56 -4.46
N LYS B 36 10.64 1.34 -3.21
CA LYS B 36 10.80 -0.01 -2.69
C LYS B 36 9.53 -0.48 -1.99
N ALA B 37 9.07 -1.67 -2.34
CA ALA B 37 7.93 -2.29 -1.66
C ALA B 37 8.29 -3.75 -1.35
N LEU B 38 9.39 -3.92 -0.62
CA LEU B 38 9.99 -5.24 -0.46
C LEU B 38 9.49 -5.93 0.81
N ASN B 39 8.84 -5.19 1.70
N ASN B 39 8.94 -5.13 1.71
CA ASN B 39 8.36 -5.79 2.95
CA ASN B 39 8.35 -5.64 2.94
C ASN B 39 6.95 -6.39 2.86
C ASN B 39 6.87 -5.82 2.74
N CYS B 40 6.37 -6.36 1.66
N CYS B 40 6.53 -6.63 1.76
CA CYS B 40 5.04 -6.90 1.41
CA CYS B 40 5.14 -6.98 1.45
C CYS B 40 5.09 -8.40 1.13
C CYS B 40 5.12 -8.46 1.21
N HIS B 41 3.93 -9.05 1.17
CA HIS B 41 3.81 -10.48 0.91
C HIS B 41 4.43 -10.85 -0.44
N LEU B 42 4.20 -9.98 -1.42
CA LEU B 42 4.87 -10.09 -2.70
C LEU B 42 5.86 -8.94 -2.84
N PRO B 43 7.14 -9.18 -2.52
CA PRO B 43 8.14 -8.11 -2.57
C PRO B 43 8.29 -7.55 -3.98
N ALA B 44 8.30 -6.23 -4.10
CA ALA B 44 8.34 -5.62 -5.42
C ALA B 44 9.13 -4.33 -5.44
N ILE B 45 9.59 -3.98 -6.64
CA ILE B 45 10.08 -2.65 -6.93
C ILE B 45 9.01 -1.96 -7.78
N ILE B 46 8.66 -0.73 -7.42
CA ILE B 46 7.65 0.01 -8.16
C ILE B 46 8.36 1.08 -8.98
N PHE B 47 8.23 1.01 -10.30
CA PHE B 47 8.78 2.07 -11.14
C PHE B 47 7.74 3.16 -11.41
N VAL B 48 8.20 4.41 -11.30
CA VAL B 48 7.37 5.58 -11.56
C VAL B 48 7.69 6.06 -12.97
N THR B 49 6.65 6.31 -13.78
CA THR B 49 6.86 6.63 -15.19
C THR B 49 6.44 8.05 -15.59
N LYS B 50 6.88 8.46 -16.78
CA LYS B 50 6.54 9.76 -17.37
C LYS B 50 5.08 9.83 -17.76
N ARG B 51 4.43 8.67 -17.85
CA ARG B 51 3.00 8.60 -18.15
C ARG B 51 2.21 8.65 -16.86
N ASN B 52 2.89 9.05 -15.79
CA ASN B 52 2.29 9.16 -14.46
C ASN B 52 1.70 7.86 -13.94
N ARG B 53 2.33 6.74 -14.29
CA ARG B 53 1.90 5.43 -13.83
C ARG B 53 2.89 4.84 -12.84
N GLU B 54 2.39 3.99 -11.95
CA GLU B 54 3.23 3.27 -11.01
C GLU B 54 3.14 1.79 -11.34
N VAL B 55 4.29 1.17 -11.58
CA VAL B 55 4.32 -0.20 -12.11
C VAL B 55 5.06 -1.17 -11.23
N CYS B 56 4.38 -2.23 -10.81
CA CYS B 56 4.95 -3.24 -9.93
C CYS B 56 5.81 -4.22 -10.70
N THR B 57 7.03 -4.47 -10.20
CA THR B 57 7.96 -5.36 -10.88
C THR B 57 8.70 -6.32 -9.94
N ASN B 58 9.15 -7.43 -10.54
CA ASN B 58 9.90 -8.47 -9.85
C ASN B 58 11.31 -7.98 -9.50
N PRO B 59 11.62 -7.89 -8.20
CA PRO B 59 12.92 -7.36 -7.74
C PRO B 59 14.10 -8.22 -8.18
N ASN B 60 13.83 -9.48 -8.53
CA ASN B 60 14.87 -10.42 -8.87
C ASN B 60 15.22 -10.42 -10.36
N ASP B 61 14.40 -9.74 -11.16
CA ASP B 61 14.62 -9.76 -12.60
C ASP B 61 15.81 -8.89 -12.98
N ASP B 62 16.51 -9.28 -14.04
CA ASP B 62 17.74 -8.60 -14.42
C ASP B 62 17.54 -7.13 -14.80
N TRP B 63 16.53 -6.84 -15.61
CA TRP B 63 16.30 -5.47 -16.04
C TRP B 63 15.92 -4.55 -14.88
N VAL B 64 15.20 -5.10 -13.91
CA VAL B 64 14.83 -4.34 -12.74
C VAL B 64 16.06 -3.97 -11.94
N GLN B 65 16.96 -4.92 -11.75
N GLN B 65 16.95 -4.95 -11.75
CA GLN B 65 18.18 -4.64 -11.00
CA GLN B 65 18.21 -4.72 -11.05
C GLN B 65 19.13 -3.72 -11.78
C GLN B 65 19.01 -3.67 -11.79
N GLU B 66 19.08 -3.81 -13.11
CA GLU B 66 19.80 -2.85 -13.93
C GLU B 66 19.28 -1.42 -13.74
N TYR B 67 17.96 -1.24 -13.71
CA TYR B 67 17.43 0.12 -13.56
C TYR B 67 17.70 0.67 -12.16
N ILE B 68 17.57 -0.18 -11.14
CA ILE B 68 17.90 0.21 -9.78
C ILE B 68 19.34 0.70 -9.67
N LYS B 69 20.24 0.07 -10.43
CA LYS B 69 21.65 0.43 -10.37
C LYS B 69 22.02 1.63 -11.23
N ASP B 70 21.06 2.12 -12.02
CA ASP B 70 21.32 3.23 -12.95
C ASP B 70 21.64 4.49 -12.15
N PRO B 71 22.79 5.14 -12.42
CA PRO B 71 23.22 6.27 -11.60
C PRO B 71 22.30 7.48 -11.68
N ASN B 72 21.39 7.50 -12.64
CA ASN B 72 20.54 8.67 -12.84
C ASN B 72 19.09 8.49 -12.41
N LEU B 73 18.79 7.32 -11.83
N LEU B 73 18.80 7.30 -11.85
CA LEU B 73 17.42 7.03 -11.41
CA LEU B 73 17.47 7.00 -11.34
C LEU B 73 17.25 7.09 -9.89
C LEU B 73 17.39 7.19 -9.83
N PRO B 74 16.49 8.08 -9.38
CA PRO B 74 16.36 8.29 -7.94
C PRO B 74 15.44 7.32 -7.21
N LEU B 75 15.77 7.02 -5.96
CA LEU B 75 14.88 6.32 -5.06
C LEU B 75 13.90 7.33 -4.49
N LEU B 76 12.62 6.98 -4.55
CA LEU B 76 11.56 7.86 -4.08
C LEU B 76 10.87 7.19 -2.92
N PRO B 77 10.20 7.97 -2.06
CA PRO B 77 9.55 7.31 -0.91
C PRO B 77 8.25 6.61 -1.32
N THR B 78 7.70 5.76 -0.48
CA THR B 78 6.37 5.20 -0.75
C THR B 78 5.28 6.02 -0.09
N ARG B 79 5.50 6.42 1.16
NA NA C . -20.15 4.40 7.73
C1 GOL D . 19.83 -0.61 -3.29
O1 GOL D . 18.93 -1.51 -3.88
C2 GOL D . 19.08 0.66 -2.88
O2 GOL D . 19.94 1.77 -3.00
C3 GOL D . 17.92 0.87 -3.84
O3 GOL D . 18.46 1.33 -5.05
#